data_2W5Z
#
_entry.id   2W5Z
#
_cell.length_a   48.950
_cell.length_b   56.550
_cell.length_c   78.410
_cell.angle_alpha   90.00
_cell.angle_beta   90.00
_cell.angle_gamma   90.00
#
_symmetry.space_group_name_H-M   'P 21 21 21'
#
loop_
_entity.id
_entity.type
_entity.pdbx_description
1 polymer 'HISTONE-LYSINE N-METHYLTRANSFERASE HRX'
2 polymer 'HISTONE PEPTIDE'
3 non-polymer 'ZINC ION'
4 non-polymer S-ADENOSYL-L-HOMOCYSTEINE
5 non-polymer GLYCEROL
6 water water
#
loop_
_entity_poly.entity_id
_entity_poly.type
_entity_poly.pdbx_seq_one_letter_code
_entity_poly.pdbx_strand_id
1 'polypeptide(L)'
;GPLGSHMHRQPPEYNPNDEEEEEVQLKSARRATSMDLPMPMRFRHLKKTSKEAVGVYRSPIHGRGLFCKRNIDAGEMVIE
YAGNVIRSIQTDKREKYYDSKGIGCYMFRIDDSEVVDATMHGNAARFINHSCEPNCYSRVINIDGQKHIVIFAMRKIYRG
EELTYDYKFPIEDASNKLPCNCGAKKCRKFLN
;
A
2 'polypeptide(L)' ART(MLY)QTARY C
#
# COMPACT_ATOMS: atom_id res chain seq x y z
N GLU A 13 -27.79 34.78 -37.36
CA GLU A 13 -26.44 34.40 -36.93
C GLU A 13 -26.37 32.91 -36.60
N TYR A 14 -25.27 32.27 -37.01
CA TYR A 14 -25.04 30.87 -36.72
C TYR A 14 -24.42 30.67 -35.35
N ASN A 15 -24.83 29.61 -34.66
CA ASN A 15 -24.32 29.30 -33.32
C ASN A 15 -23.87 27.84 -33.19
N PRO A 16 -22.58 27.63 -32.92
CA PRO A 16 -22.00 26.29 -32.78
C PRO A 16 -22.71 25.47 -31.71
N ASN A 17 -23.36 26.17 -30.77
CA ASN A 17 -23.98 25.51 -29.61
C ASN A 17 -25.42 25.08 -29.83
N ASP A 18 -26.02 25.49 -30.94
CA ASP A 18 -27.42 25.17 -31.22
C ASP A 18 -27.66 23.66 -31.37
N GLU A 19 -26.63 22.95 -31.80
CA GLU A 19 -26.73 21.49 -31.97
C GLU A 19 -26.28 20.77 -30.71
N GLU A 20 -25.73 21.51 -29.76
CA GLU A 20 -25.22 20.94 -28.53
C GLU A 20 -26.16 21.16 -27.34
N GLU A 21 -27.20 21.98 -27.55
CA GLU A 21 -28.13 22.33 -26.47
C GLU A 21 -28.66 21.10 -25.73
N GLU A 22 -28.86 20.00 -26.45
CA GLU A 22 -29.42 18.78 -25.85
C GLU A 22 -28.39 17.69 -25.61
N GLU A 23 -27.13 17.94 -25.92
CA GLU A 23 -26.10 16.89 -25.84
C GLU A 23 -25.60 16.64 -24.43
N VAL A 24 -25.19 15.41 -24.18
CA VAL A 24 -24.61 15.04 -22.88
C VAL A 24 -23.26 15.71 -22.70
N GLN A 25 -23.08 16.38 -21.57
CA GLN A 25 -21.82 17.04 -21.26
C GLN A 25 -20.80 16.06 -20.70
N LEU A 26 -19.57 16.13 -21.20
CA LEU A 26 -18.50 15.20 -20.81
C LEU A 26 -17.50 15.84 -19.86
N LYS A 27 -16.86 15.00 -19.06
CA LYS A 27 -15.77 15.44 -18.18
C LYS A 27 -14.89 14.23 -17.86
N SER A 28 -13.89 14.42 -17.00
CA SER A 28 -12.99 13.34 -16.62
C SER A 28 -13.68 12.29 -15.76
N ALA A 29 -13.56 11.03 -16.16
CA ALA A 29 -14.12 9.93 -15.40
C ALA A 29 -13.36 9.72 -14.11
N ARG A 30 -14.08 9.48 -13.02
CA ARG A 30 -13.43 9.23 -11.74
C ARG A 30 -13.26 7.73 -11.52
N ARG A 31 -12.04 7.31 -11.17
CA ARG A 31 -11.75 5.90 -10.95
C ARG A 31 -12.57 5.32 -9.79
N ALA A 32 -13.03 4.09 -9.95
CA ALA A 32 -13.76 3.38 -8.91
C ALA A 32 -12.95 3.23 -7.61
N THR A 33 -11.65 3.07 -7.73
CA THR A 33 -10.81 2.94 -6.54
C THR A 33 -10.84 4.21 -5.70
N SER A 34 -11.23 5.32 -6.32
CA SER A 34 -11.22 6.61 -5.66
C SER A 34 -12.61 7.08 -5.18
N MET A 35 -13.65 6.38 -5.63
CA MET A 35 -15.01 6.84 -5.40
C MET A 35 -15.60 6.39 -4.06
N ASP A 36 -16.72 7.02 -3.70
CA ASP A 36 -17.43 6.72 -2.47
C ASP A 36 -18.38 5.55 -2.73
N LEU A 37 -17.80 4.38 -2.93
CA LEU A 37 -18.56 3.17 -3.21
C LEU A 37 -18.29 2.12 -2.15
N PRO A 38 -19.16 1.10 -2.05
CA PRO A 38 -18.85 0.00 -1.14
C PRO A 38 -17.55 -0.69 -1.52
N MET A 39 -16.82 -1.18 -0.53
CA MET A 39 -15.51 -1.77 -0.75
C MET A 39 -15.41 -2.78 -1.90
N PRO A 40 -16.38 -3.71 -2.02
CA PRO A 40 -16.25 -4.70 -3.10
C PRO A 40 -16.25 -4.08 -4.50
N MET A 41 -16.93 -2.96 -4.68
CA MET A 41 -16.95 -2.30 -5.98
C MET A 41 -15.64 -1.55 -6.24
N ARG A 42 -15.07 -0.97 -5.19
CA ARG A 42 -13.78 -0.32 -5.33
C ARG A 42 -12.68 -1.34 -5.61
N PHE A 43 -12.78 -2.50 -4.96
CA PHE A 43 -11.73 -3.51 -5.01
C PHE A 43 -11.66 -4.25 -6.35
N ARG A 44 -12.82 -4.39 -7.00
CA ARG A 44 -12.93 -5.18 -8.22
C ARG A 44 -11.89 -4.84 -9.29
N HIS A 45 -11.59 -3.56 -9.44
CA HIS A 45 -10.61 -3.13 -10.45
C HIS A 45 -9.30 -2.59 -9.87
N LEU A 46 -8.98 -2.98 -8.64
CA LEU A 46 -7.76 -2.49 -7.99
C LEU A 46 -6.48 -2.96 -8.65
N LYS A 47 -6.46 -4.23 -9.06
CA LYS A 47 -5.26 -4.83 -9.62
C LYS A 47 -4.79 -4.16 -10.91
N LYS A 48 -5.73 -3.93 -11.83
CA LYS A 48 -5.41 -3.25 -13.07
C LYS A 48 -5.01 -1.82 -12.78
N THR A 49 -5.80 -1.15 -11.96
CA THR A 49 -5.59 0.26 -11.67
C THR A 49 -4.24 0.48 -10.98
N SER A 50 -3.88 -0.41 -10.07
CA SER A 50 -2.65 -0.25 -9.32
CA SER A 50 -2.64 -0.26 -9.32
C SER A 50 -1.42 -0.31 -10.23
N LYS A 51 -1.46 -1.16 -11.25
CA LYS A 51 -0.34 -1.27 -12.18
C LYS A 51 -0.08 0.05 -12.91
N GLU A 52 -1.10 0.88 -13.01
CA GLU A 52 -0.99 2.19 -13.65
C GLU A 52 -0.54 3.26 -12.65
N ALA A 53 -0.94 3.08 -11.40
CA ALA A 53 -0.76 4.11 -10.38
C ALA A 53 0.65 4.15 -9.76
N VAL A 54 1.29 2.99 -9.61
CA VAL A 54 2.53 2.91 -8.83
C VAL A 54 3.62 2.05 -9.45
N GLY A 55 4.88 2.35 -9.10
CA GLY A 55 5.99 1.54 -9.57
C GLY A 55 7.15 1.47 -8.59
N VAL A 56 8.02 0.48 -8.79
CA VAL A 56 9.16 0.27 -7.90
C VAL A 56 10.43 0.88 -8.50
N TYR A 57 11.05 1.78 -7.74
CA TYR A 57 12.27 2.47 -8.17
C TYR A 57 13.22 2.59 -6.98
N ARG A 58 14.45 3.00 -7.25
CA ARG A 58 15.43 3.22 -6.18
C ARG A 58 14.96 4.34 -5.26
N SER A 59 15.13 4.16 -3.95
CA SER A 59 14.64 5.12 -2.97
C SER A 59 15.76 5.76 -2.17
N PRO A 60 15.59 7.05 -1.80
CA PRO A 60 16.55 7.75 -0.93
C PRO A 60 16.41 7.32 0.52
N ILE A 61 15.27 6.73 0.88
CA ILE A 61 15.07 6.25 2.24
C ILE A 61 15.84 4.95 2.45
N HIS A 62 15.53 3.94 1.64
CA HIS A 62 16.23 2.66 1.71
C HIS A 62 16.03 1.79 0.46
N GLY A 63 17.12 1.22 -0.04
CA GLY A 63 17.06 0.32 -1.17
C GLY A 63 16.03 0.71 -2.23
N ARG A 64 15.02 -0.13 -2.41
CA ARG A 64 13.98 0.15 -3.39
C ARG A 64 12.67 0.54 -2.72
N GLY A 65 11.93 1.43 -3.36
CA GLY A 65 10.68 1.93 -2.82
C GLY A 65 9.58 1.91 -3.84
N LEU A 66 8.35 2.15 -3.39
CA LEU A 66 7.19 2.21 -4.28
C LEU A 66 6.91 3.68 -4.50
N PHE A 67 6.74 4.08 -5.76
CA PHE A 67 6.53 5.48 -6.13
C PHE A 67 5.24 5.70 -6.94
N CYS A 68 4.71 6.92 -6.88
CA CYS A 68 3.53 7.26 -7.66
C CYS A 68 3.90 7.62 -9.10
N LYS A 69 3.24 6.98 -10.07
CA LYS A 69 3.47 7.23 -11.49
C LYS A 69 2.40 8.15 -12.08
N ARG A 70 1.28 8.25 -11.38
CA ARG A 70 0.13 9.01 -11.85
CA ARG A 70 0.14 9.02 -11.85
C ARG A 70 -0.66 9.46 -10.62
N ASN A 71 -1.02 10.74 -10.57
CA ASN A 71 -1.68 11.30 -9.40
C ASN A 71 -2.68 10.36 -8.74
N ILE A 72 -2.57 10.27 -7.41
CA ILE A 72 -3.47 9.44 -6.62
C ILE A 72 -4.35 10.33 -5.73
N ASP A 73 -5.66 10.11 -5.73
CA ASP A 73 -6.57 10.97 -4.98
C ASP A 73 -6.56 10.64 -3.48
N ALA A 74 -6.94 11.62 -2.67
CA ALA A 74 -7.02 11.40 -1.23
C ALA A 74 -8.01 10.29 -0.93
N GLY A 75 -7.57 9.30 -0.15
CA GLY A 75 -8.46 8.24 0.29
C GLY A 75 -8.66 7.13 -0.73
N GLU A 76 -7.94 7.20 -1.85
CA GLU A 76 -8.09 6.19 -2.90
C GLU A 76 -7.34 4.91 -2.54
N MET A 77 -7.85 3.76 -2.99
CA MET A 77 -7.13 2.47 -2.89
C MET A 77 -5.90 2.47 -3.80
N VAL A 78 -4.73 2.29 -3.22
CA VAL A 78 -3.50 2.32 -4.01
C VAL A 78 -3.12 0.96 -4.57
N ILE A 79 -3.08 -0.04 -3.68
CA ILE A 79 -2.55 -1.35 -4.02
C ILE A 79 -2.88 -2.35 -2.91
N GLU A 80 -3.17 -3.58 -3.26
CA GLU A 80 -3.33 -4.63 -2.26
C GLU A 80 -1.95 -5.17 -1.87
N TYR A 81 -1.74 -5.41 -0.58
CA TYR A 81 -0.53 -6.12 -0.17
C TYR A 81 -0.77 -7.61 -0.43
N ALA A 82 -0.43 -8.04 -1.65
CA ALA A 82 -0.78 -9.38 -2.11
C ALA A 82 0.10 -10.47 -1.53
N GLY A 83 -0.44 -11.68 -1.46
CA GLY A 83 0.26 -12.83 -0.93
C GLY A 83 -0.74 -13.88 -0.54
N ASN A 84 -0.25 -14.98 0.05
CA ASN A 84 -1.13 -16.04 0.51
C ASN A 84 -1.39 -15.93 1.99
N VAL A 85 -2.66 -15.96 2.36
CA VAL A 85 -3.05 -15.95 3.77
C VAL A 85 -2.65 -17.28 4.43
N ILE A 86 -1.89 -17.18 5.52
CA ILE A 86 -1.53 -18.35 6.32
C ILE A 86 -1.82 -18.10 7.78
N ARG A 87 -1.84 -19.19 8.56
CA ARG A 87 -2.04 -19.10 9.99
C ARG A 87 -0.77 -18.58 10.66
N SER A 88 -0.96 -17.85 11.76
CA SER A 88 0.13 -17.22 12.48
C SER A 88 1.18 -18.22 12.97
N ILE A 89 0.76 -19.44 13.25
CA ILE A 89 1.67 -20.44 13.79
C ILE A 89 2.49 -21.15 12.73
N GLN A 90 2.35 -20.74 11.47
CA GLN A 90 3.18 -21.30 10.41
C GLN A 90 4.37 -20.39 10.07
N THR A 91 4.34 -19.16 10.57
CA THR A 91 5.31 -18.16 10.10
C THR A 91 6.74 -18.55 10.44
N ASP A 92 6.99 -18.87 11.71
CA ASP A 92 8.35 -19.17 12.15
C ASP A 92 9.02 -20.24 11.27
N LYS A 93 8.33 -21.36 11.07
CA LYS A 93 8.84 -22.41 10.21
C LYS A 93 9.08 -21.91 8.78
N ARG A 94 8.20 -21.05 8.29
CA ARG A 94 8.36 -20.55 6.93
C ARG A 94 9.56 -19.64 6.83
N GLU A 95 9.76 -18.81 7.85
CA GLU A 95 10.90 -17.90 7.86
C GLU A 95 12.23 -18.67 7.83
N LYS A 96 12.26 -19.80 8.52
CA LYS A 96 13.46 -20.62 8.58
C LYS A 96 13.72 -21.31 7.25
N TYR A 97 12.66 -21.83 6.64
CA TYR A 97 12.76 -22.40 5.29
C TYR A 97 13.31 -21.39 4.27
N TYR A 98 12.75 -20.19 4.23
CA TYR A 98 13.23 -19.19 3.27
C TYR A 98 14.69 -18.84 3.54
N ASP A 99 14.99 -18.60 4.82
CA ASP A 99 16.35 -18.28 5.25
C ASP A 99 17.33 -19.36 4.80
N SER A 100 16.90 -20.61 4.85
CA SER A 100 17.76 -21.73 4.49
C SER A 100 17.94 -21.84 2.97
N LYS A 101 17.10 -21.14 2.21
CA LYS A 101 17.17 -21.23 0.75
C LYS A 101 17.72 -19.96 0.12
N GLY A 102 18.06 -18.97 0.93
CA GLY A 102 18.44 -17.67 0.42
C GLY A 102 17.26 -17.00 -0.26
N ILE A 103 16.16 -16.84 0.47
CA ILE A 103 14.97 -16.16 -0.05
C ILE A 103 14.52 -15.07 0.92
N GLY A 104 14.25 -13.88 0.38
CA GLY A 104 13.86 -12.75 1.20
C GLY A 104 12.42 -12.87 1.65
N CYS A 105 12.21 -12.83 2.96
CA CYS A 105 10.88 -13.07 3.53
C CYS A 105 10.05 -11.79 3.68
N TYR A 106 8.83 -11.82 3.16
CA TYR A 106 7.94 -10.65 3.25
C TYR A 106 6.58 -11.06 3.77
N MET A 107 6.21 -10.54 4.94
CA MET A 107 4.92 -10.85 5.52
C MET A 107 4.28 -9.65 6.20
N PHE A 108 2.96 -9.64 6.24
CA PHE A 108 2.20 -8.57 6.84
C PHE A 108 1.11 -9.22 7.67
N ARG A 109 1.09 -8.94 8.96
CA ARG A 109 0.16 -9.58 9.87
C ARG A 109 -1.26 -9.00 9.70
N ILE A 110 -2.24 -9.87 9.54
CA ILE A 110 -3.64 -9.46 9.44
C ILE A 110 -4.21 -9.23 10.83
N ASP A 111 -4.17 -10.27 11.65
CA ASP A 111 -4.52 -10.20 13.07
C ASP A 111 -3.62 -11.17 13.84
N ASP A 112 -3.99 -11.52 15.06
CA ASP A 112 -3.16 -12.38 15.91
C ASP A 112 -2.99 -13.80 15.40
N SER A 113 -3.92 -14.25 14.55
CA SER A 113 -3.92 -15.64 14.12
C SER A 113 -3.72 -15.83 12.62
N GLU A 114 -3.71 -14.72 11.88
CA GLU A 114 -3.55 -14.79 10.43
C GLU A 114 -2.58 -13.74 9.90
N VAL A 115 -1.87 -14.10 8.85
CA VAL A 115 -0.78 -13.31 8.31
C VAL A 115 -0.80 -13.47 6.80
N VAL A 116 -0.47 -12.41 6.06
CA VAL A 116 -0.30 -12.54 4.62
C VAL A 116 1.17 -12.80 4.29
N ASP A 117 1.44 -13.90 3.58
CA ASP A 117 2.81 -14.22 3.16
C ASP A 117 3.08 -13.81 1.71
N ALA A 118 3.78 -12.70 1.52
CA ALA A 118 4.04 -12.18 0.17
C ALA A 118 5.37 -12.63 -0.44
N THR A 119 6.03 -13.60 0.18
CA THR A 119 7.35 -14.02 -0.27
C THR A 119 7.36 -14.62 -1.67
N MET A 120 6.47 -15.58 -1.92
CA MET A 120 6.48 -16.35 -3.16
C MET A 120 5.49 -15.81 -4.18
N HIS A 121 4.38 -15.25 -3.70
CA HIS A 121 3.37 -14.71 -4.59
C HIS A 121 2.94 -13.31 -4.19
N GLY A 122 3.91 -12.42 -4.00
CA GLY A 122 3.61 -11.05 -3.61
C GLY A 122 3.61 -10.11 -4.79
N ASN A 123 3.52 -8.80 -4.50
CA ASN A 123 3.57 -7.78 -5.55
C ASN A 123 4.43 -6.62 -5.08
N ALA A 124 4.20 -5.44 -5.66
CA ALA A 124 5.02 -4.26 -5.39
C ALA A 124 4.80 -3.66 -4.00
N ALA A 125 3.72 -4.04 -3.34
CA ALA A 125 3.46 -3.55 -1.99
C ALA A 125 4.61 -3.84 -1.03
N ARG A 126 5.38 -4.88 -1.34
CA ARG A 126 6.50 -5.28 -0.49
C ARG A 126 7.56 -4.20 -0.39
N PHE A 127 7.52 -3.22 -1.28
CA PHE A 127 8.61 -2.26 -1.36
C PHE A 127 8.29 -0.92 -0.72
N ILE A 128 7.15 -0.86 -0.05
CA ILE A 128 6.74 0.34 0.66
C ILE A 128 7.61 0.53 1.91
N ASN A 129 8.35 1.64 1.95
CA ASN A 129 9.23 1.93 3.08
C ASN A 129 8.50 2.58 4.25
N HIS A 130 9.14 2.57 5.42
CA HIS A 130 8.59 3.23 6.59
C HIS A 130 8.88 4.72 6.58
N SER A 131 7.97 5.50 7.16
CA SER A 131 8.21 6.91 7.39
C SER A 131 7.45 7.39 8.61
N CYS A 132 8.09 8.25 9.39
CA CYS A 132 7.49 8.79 10.60
C CYS A 132 6.42 9.84 10.24
N GLU A 133 6.42 10.27 8.98
CA GLU A 133 5.39 11.17 8.44
C GLU A 133 4.80 10.59 7.16
N PRO A 134 3.95 9.57 7.28
CA PRO A 134 3.50 8.74 6.16
C PRO A 134 2.47 9.44 5.29
N ASN A 135 2.27 8.94 4.07
CA ASN A 135 1.14 9.37 3.25
C ASN A 135 0.15 8.24 2.94
N CYS A 136 0.41 7.05 3.48
CA CYS A 136 -0.46 5.89 3.27
C CYS A 136 -0.86 5.21 4.58
N TYR A 137 -2.01 4.54 4.57
CA TYR A 137 -2.38 3.66 5.68
C TYR A 137 -2.96 2.36 5.13
N SER A 138 -3.24 1.40 6.01
CA SER A 138 -3.70 0.10 5.55
C SER A 138 -4.95 -0.37 6.29
N ARG A 139 -5.68 -1.26 5.64
CA ARG A 139 -6.90 -1.80 6.20
C ARG A 139 -7.05 -3.26 5.79
N VAL A 140 -7.74 -4.04 6.63
CA VAL A 140 -8.12 -5.38 6.25
C VAL A 140 -9.58 -5.35 5.76
N ILE A 141 -9.84 -5.94 4.61
CA ILE A 141 -11.20 -6.05 4.12
C ILE A 141 -11.52 -7.46 3.64
N ASN A 142 -12.78 -7.85 3.84
CA ASN A 142 -13.25 -9.16 3.43
C ASN A 142 -14.09 -9.06 2.15
N ILE A 143 -13.64 -9.72 1.09
CA ILE A 143 -14.37 -9.79 -0.17
C ILE A 143 -14.60 -11.24 -0.57
N ASP A 144 -15.87 -11.65 -0.60
CA ASP A 144 -16.24 -13.01 -0.99
C ASP A 144 -15.66 -14.04 -0.04
N GLY A 145 -15.65 -13.73 1.24
CA GLY A 145 -15.11 -14.64 2.24
C GLY A 145 -13.60 -14.76 2.20
N GLN A 146 -12.96 -13.77 1.57
CA GLN A 146 -11.50 -13.75 1.50
C GLN A 146 -10.94 -12.46 2.09
N LYS A 147 -9.97 -12.59 3.00
CA LYS A 147 -9.36 -11.42 3.62
C LYS A 147 -8.31 -10.82 2.69
N HIS A 148 -8.28 -9.48 2.63
CA HIS A 148 -7.27 -8.77 1.86
C HIS A 148 -6.73 -7.60 2.66
N ILE A 149 -5.43 -7.34 2.53
CA ILE A 149 -4.84 -6.14 3.09
C ILE A 149 -4.71 -5.10 1.99
N VAL A 150 -5.31 -3.93 2.19
CA VAL A 150 -5.35 -2.89 1.18
C VAL A 150 -4.74 -1.59 1.68
N ILE A 151 -3.93 -0.96 0.85
CA ILE A 151 -3.27 0.29 1.18
C ILE A 151 -4.06 1.45 0.59
N PHE A 152 -4.27 2.50 1.38
CA PHE A 152 -5.02 3.68 0.96
C PHE A 152 -4.15 4.92 1.12
N ALA A 153 -4.47 5.96 0.35
CA ALA A 153 -3.76 7.24 0.43
C ALA A 153 -4.35 8.14 1.51
N MET A 154 -3.51 8.67 2.38
CA MET A 154 -3.95 9.59 3.44
C MET A 154 -4.25 10.97 2.88
N ARG A 155 -3.71 11.25 1.70
CA ARG A 155 -3.83 12.56 1.09
C ARG A 155 -3.60 12.40 -0.39
N LYS A 156 -3.79 13.48 -1.14
CA LYS A 156 -3.45 13.47 -2.55
C LYS A 156 -1.96 13.22 -2.67
N ILE A 157 -1.58 12.29 -3.55
CA ILE A 157 -0.18 11.97 -3.77
C ILE A 157 0.13 12.21 -5.25
N TYR A 158 1.25 12.87 -5.52
CA TYR A 158 1.54 13.31 -6.88
C TYR A 158 2.64 12.50 -7.56
N ARG A 159 2.58 12.42 -8.88
CA ARG A 159 3.62 11.75 -9.65
C ARG A 159 5.01 12.04 -9.06
N GLY A 160 5.79 10.98 -8.85
CA GLY A 160 7.15 11.13 -8.37
C GLY A 160 7.34 10.96 -6.88
N GLU A 161 6.29 11.21 -6.11
CA GLU A 161 6.37 11.09 -4.65
C GLU A 161 6.53 9.65 -4.22
N GLU A 162 7.28 9.43 -3.16
CA GLU A 162 7.38 8.09 -2.56
C GLU A 162 6.22 7.79 -1.62
N LEU A 163 5.63 6.61 -1.80
CA LEU A 163 4.59 6.14 -0.89
C LEU A 163 5.20 5.43 0.30
N THR A 164 4.83 5.86 1.50
CA THR A 164 5.33 5.28 2.74
C THR A 164 4.19 5.01 3.71
N TYR A 165 4.40 4.10 4.64
CA TYR A 165 3.54 4.06 5.82
C TYR A 165 4.31 3.82 7.10
N ASP A 166 3.63 4.04 8.22
CA ASP A 166 4.26 3.93 9.53
C ASP A 166 4.27 2.48 9.99
N TYR A 167 5.45 1.87 10.06
CA TYR A 167 5.56 0.48 10.50
C TYR A 167 5.12 0.35 11.95
N LYS A 168 5.32 1.43 12.71
CA LYS A 168 5.05 1.46 14.14
C LYS A 168 5.52 0.20 14.87
N PHE A 169 6.82 -0.06 14.79
CA PHE A 169 7.45 -1.15 15.53
C PHE A 169 7.36 -0.90 17.03
N PRO A 170 7.07 -1.96 17.80
CA PRO A 170 7.15 -1.88 19.27
C PRO A 170 8.52 -1.36 19.69
N ILE A 171 8.54 -0.33 20.54
CA ILE A 171 9.77 0.33 20.93
C ILE A 171 10.74 -0.59 21.68
N GLU A 172 11.73 -1.11 20.95
CA GLU A 172 12.83 -1.85 21.57
C GLU A 172 13.64 -0.87 22.40
N ASP A 173 14.70 -1.36 23.05
CA ASP A 173 15.48 -0.51 23.94
C ASP A 173 16.90 -1.02 24.16
N ALA A 174 17.87 -0.27 23.62
CA ALA A 174 19.28 -0.46 23.97
C ALA A 174 20.25 0.46 23.19
N SER A 175 20.89 0.09 22.07
CA SER A 175 20.87 -1.20 21.35
C SER A 175 19.50 -1.74 20.90
N ASN A 176 19.54 -2.75 20.05
CA ASN A 176 18.33 -3.30 19.43
C ASN A 176 17.66 -2.30 18.49
N LYS A 177 18.09 -1.05 18.57
CA LYS A 177 17.45 0.03 17.82
C LYS A 177 17.93 0.06 16.38
N LEU A 178 16.99 0.08 15.45
CA LEU A 178 17.30 0.24 14.03
C LEU A 178 17.07 1.69 13.64
N PRO A 179 18.08 2.32 13.04
CA PRO A 179 17.97 3.75 12.69
C PRO A 179 16.92 3.95 11.61
N CYS A 180 16.26 5.10 11.60
CA CYS A 180 15.29 5.43 10.55
C CYS A 180 15.86 6.51 9.64
N ASN A 181 15.77 6.29 8.32
CA ASN A 181 16.26 7.27 7.35
C ASN A 181 15.14 8.05 6.64
N CYS A 182 13.96 8.18 7.24
CA CYS A 182 12.82 8.78 6.52
C CYS A 182 12.99 10.26 6.21
N GLY A 183 13.85 10.93 6.96
CA GLY A 183 14.18 12.32 6.68
C GLY A 183 13.09 13.32 6.96
N ALA A 184 12.06 12.89 7.70
CA ALA A 184 10.97 13.78 8.08
C ALA A 184 11.41 14.68 9.22
N LYS A 185 10.87 15.90 9.27
CA LYS A 185 11.21 16.84 10.33
C LYS A 185 10.87 16.27 11.71
N LYS A 186 9.80 15.47 11.76
CA LYS A 186 9.36 14.88 13.03
C LYS A 186 9.82 13.44 13.20
N CYS A 187 10.87 13.07 12.47
CA CYS A 187 11.42 11.72 12.56
C CYS A 187 11.57 11.29 14.01
N ARG A 188 11.40 10.01 14.28
CA ARG A 188 11.62 9.47 15.61
C ARG A 188 13.01 8.88 15.76
N LYS A 189 13.84 9.07 14.73
CA LYS A 189 15.25 8.67 14.75
C LYS A 189 15.47 7.15 14.67
N PHE A 190 14.59 6.36 15.29
CA PHE A 190 14.67 4.91 15.17
C PHE A 190 13.38 4.30 14.66
N LEU A 191 13.49 3.19 13.93
CA LEU A 191 12.32 2.46 13.47
C LEU A 191 11.63 1.83 14.66
N ASN A 192 12.34 1.79 15.78
CA ASN A 192 11.84 1.16 17.00
C ASN A 192 12.45 1.79 18.25
N ARG B 2 11.23 -9.16 9.16
CA ARG B 2 10.34 -8.67 10.21
C ARG B 2 8.90 -8.56 9.73
N THR B 3 8.03 -9.39 10.29
CA THR B 3 6.62 -9.41 9.91
C THR B 3 5.92 -8.09 10.27
N GLN B 5 3.49 -5.44 11.44
N GLN B 5 3.47 -5.37 11.43
CA GLN B 5 2.60 -5.71 12.56
CA GLN B 5 2.62 -5.52 12.61
C GLN B 5 1.13 -5.42 12.26
C GLN B 5 1.13 -5.27 12.34
N THR B 6 0.26 -5.87 13.18
CA THR B 6 -1.19 -5.65 13.06
C THR B 6 -1.64 -4.32 13.60
N ALA B 7 -0.94 -3.81 14.60
CA ALA B 7 -1.27 -2.52 15.18
C ALA B 7 -1.17 -1.46 14.10
N ARG B 8 -0.59 -1.83 12.96
CA ARG B 8 -0.47 -0.98 11.78
CA ARG B 8 -0.46 -0.89 11.88
C ARG B 8 -1.82 -0.41 11.34
N TYR B 9 -2.86 -1.22 11.50
CA TYR B 9 -4.20 -0.83 11.06
C TYR B 9 -4.91 0.09 12.06
#